data_5YDD
#
_entry.id   5YDD
#
_cell.length_a   45.035
_cell.length_b   31.452
_cell.length_c   76.998
_cell.angle_alpha   90.00
_cell.angle_beta   97.76
_cell.angle_gamma   90.00
#
_symmetry.space_group_name_H-M   'P 1 21 1'
#
loop_
_entity.id
_entity.type
_entity.pdbx_description
1 polymer 'Uncharacterized HTH-type transcriptional regulator Rv1828'
2 non-polymer 'SULFATE ION'
3 non-polymer '(6R,8S,9S)-8-(hydroxymethyl)-6,11,11-tris(oxidanyl)-9-propyl-dodecanoic acid'
4 non-polymer GLYCEROL
5 non-polymer 'SODIUM ION'
6 water water
#
_entity_poly.entity_id   1
_entity_poly.type   'polypeptide(L)'
_entity_poly.pdbx_seq_one_letter_code
;MGSSHHHHHHSSENLYFQGHMRLSREDLLERSEVADELLTALLKAGVITTGPGGFFDEHAVVILQCARALAEYGVEPRHL
RAFRSAADRQSDLIAQIAGPLVKAGKAGARDRADDLAREVAALAITLHTSLIKSAVRDVLHR
;
_entity_poly.pdbx_strand_id   A,B
#
# COMPACT_ATOMS: atom_id res chain seq x y z
N MET A 21 -6.06 18.24 -10.00
CA MET A 21 -6.37 16.87 -9.48
C MET A 21 -7.87 16.47 -9.55
N ARG A 22 -8.70 17.21 -10.29
CA ARG A 22 -10.10 16.85 -10.53
C ARG A 22 -10.27 16.54 -12.02
N LEU A 23 -10.24 15.27 -12.38
CA LEU A 23 -10.09 14.85 -13.76
C LEU A 23 -11.41 14.33 -14.30
N SER A 24 -11.75 14.78 -15.52
CA SER A 24 -12.85 14.19 -16.25
C SER A 24 -12.49 12.81 -16.74
N ARG A 25 -13.50 12.06 -17.18
CA ARG A 25 -13.29 10.73 -17.76
C ARG A 25 -12.33 10.82 -18.97
N GLU A 26 -12.56 11.81 -19.86
CA GLU A 26 -11.63 12.06 -20.98
C GLU A 26 -10.23 12.42 -20.52
N ASP A 27 -10.10 13.26 -19.48
CA ASP A 27 -8.78 13.64 -18.94
C ASP A 27 -8.08 12.35 -18.48
N LEU A 28 -8.82 11.50 -17.77
CA LEU A 28 -8.28 10.26 -17.27
C LEU A 28 -7.81 9.32 -18.41
N LEU A 29 -8.62 9.21 -19.46
CA LEU A 29 -8.20 8.39 -20.58
C LEU A 29 -6.94 8.91 -21.30
N GLU A 30 -6.86 10.21 -21.48
CA GLU A 30 -5.73 10.82 -22.17
C GLU A 30 -4.45 10.75 -21.34
N ARG A 31 -4.59 10.97 -20.02
CA ARG A 31 -3.41 10.92 -19.13
C ARG A 31 -2.93 9.50 -18.89
N SER A 32 -3.86 8.56 -18.75
CA SER A 32 -3.48 7.19 -18.53
C SER A 32 -3.00 6.47 -19.79
N GLU A 33 -3.49 6.91 -20.93
CA GLU A 33 -3.10 6.36 -22.24
C GLU A 33 -3.57 4.95 -22.49
N VAL A 34 -4.64 4.54 -21.80
CA VAL A 34 -5.17 3.21 -21.99
C VAL A 34 -6.38 3.22 -22.92
N ALA A 35 -6.74 2.06 -23.43
CA ALA A 35 -7.94 1.93 -24.23
C ALA A 35 -9.19 2.22 -23.45
N ASP A 36 -10.17 2.82 -24.09
CA ASP A 36 -11.46 3.05 -23.48
C ASP A 36 -12.05 1.75 -22.89
N GLU A 37 -11.91 0.65 -23.63
CA GLU A 37 -12.40 -0.65 -23.15
C GLU A 37 -11.85 -1.05 -21.79
N LEU A 38 -10.58 -0.76 -21.54
CA LEU A 38 -9.94 -1.10 -20.25
C LEU A 38 -10.54 -0.29 -19.13
N LEU A 39 -10.68 1.03 -19.34
CA LEU A 39 -11.33 1.85 -18.33
C LEU A 39 -12.75 1.38 -18.06
N THR A 40 -13.48 1.12 -19.14
CA THR A 40 -14.86 0.66 -19.03
C THR A 40 -14.97 -0.62 -18.21
N ALA A 41 -14.07 -1.57 -18.46
CA ALA A 41 -14.03 -2.82 -17.74
C ALA A 41 -13.69 -2.63 -16.26
N LEU A 42 -12.74 -1.73 -15.97
CA LEU A 42 -12.34 -1.44 -14.61
C LEU A 42 -13.44 -0.74 -13.82
N LEU A 43 -14.18 0.15 -14.49
CA LEU A 43 -15.34 0.77 -13.88
C LEU A 43 -16.43 -0.26 -13.58
N LYS A 44 -16.71 -1.13 -14.55
CA LYS A 44 -17.77 -2.12 -14.44
C LYS A 44 -17.47 -3.04 -13.26
N ALA A 45 -16.21 -3.44 -13.13
CA ALA A 45 -15.78 -4.35 -12.07
C ALA A 45 -15.64 -3.69 -10.72
N GLY A 46 -15.80 -2.37 -10.65
CA GLY A 46 -15.69 -1.66 -9.36
C GLY A 46 -14.28 -1.36 -8.91
N VAL A 47 -13.30 -1.61 -9.76
CA VAL A 47 -11.91 -1.46 -9.34
C VAL A 47 -11.55 0.01 -9.25
N ILE A 48 -12.01 0.79 -10.22
CA ILE A 48 -11.81 2.23 -10.24
C ILE A 48 -13.17 2.88 -10.08
N THR A 49 -13.17 4.01 -9.38
CA THR A 49 -14.39 4.76 -9.10
C THR A 49 -14.06 6.25 -9.11
N THR A 50 -15.08 7.06 -9.33
CA THR A 50 -14.96 8.48 -9.09
C THR A 50 -15.10 8.78 -7.60
N GLY A 51 -14.60 9.94 -7.23
CA GLY A 51 -14.78 10.41 -5.88
C GLY A 51 -16.19 10.93 -5.61
N PRO A 52 -16.45 11.39 -4.37
CA PRO A 52 -17.82 11.88 -4.07
C PRO A 52 -18.25 13.13 -4.86
N GLY A 53 -17.28 13.92 -5.33
CA GLY A 53 -17.55 15.07 -6.22
C GLY A 53 -17.82 14.71 -7.68
N GLY A 54 -17.69 13.43 -8.02
CA GLY A 54 -18.08 12.89 -9.33
C GLY A 54 -16.97 12.76 -10.35
N PHE A 55 -15.73 13.07 -9.96
CA PHE A 55 -14.58 13.09 -10.86
C PHE A 55 -13.47 12.16 -10.39
N PHE A 56 -12.46 12.01 -11.24
CA PHE A 56 -11.32 11.18 -10.96
C PHE A 56 -10.20 12.00 -10.39
N ASP A 57 -9.31 11.33 -9.68
CA ASP A 57 -8.12 11.99 -9.13
C ASP A 57 -6.83 11.51 -9.79
N GLU A 58 -5.71 12.04 -9.33
CA GLU A 58 -4.40 11.65 -9.82
C GLU A 58 -4.11 10.17 -9.57
N HIS A 59 -4.68 9.63 -8.48
CA HIS A 59 -4.51 8.23 -8.18
C HIS A 59 -5.12 7.36 -9.27
N ALA A 60 -6.26 7.77 -9.80
CA ALA A 60 -6.90 7.02 -10.90
C ALA A 60 -5.96 6.85 -12.08
N VAL A 61 -5.18 7.87 -12.40
CA VAL A 61 -4.26 7.76 -13.54
C VAL A 61 -3.28 6.63 -13.28
N VAL A 62 -2.72 6.61 -12.05
CA VAL A 62 -1.75 5.57 -11.74
C VAL A 62 -2.38 4.19 -11.74
N ILE A 63 -3.58 4.09 -11.18
CA ILE A 63 -4.29 2.82 -11.12
C ILE A 63 -4.48 2.26 -12.54
N LEU A 64 -4.91 3.14 -13.45
CA LEU A 64 -5.14 2.71 -14.86
C LEU A 64 -3.86 2.31 -15.54
N GLN A 65 -2.83 3.13 -15.35
CA GLN A 65 -1.50 2.79 -15.91
C GLN A 65 -1.03 1.43 -15.44
N CYS A 66 -1.11 1.21 -14.13
CA CYS A 66 -0.66 -0.05 -13.57
C CYS A 66 -1.54 -1.22 -14.07
N ALA A 67 -2.86 -0.99 -14.10
CA ALA A 67 -3.78 -2.03 -14.54
C ALA A 67 -3.48 -2.46 -15.99
N ARG A 68 -3.14 -1.49 -16.83
CA ARG A 68 -2.85 -1.82 -18.25
C ARG A 68 -1.59 -2.67 -18.33
N ALA A 69 -0.54 -2.24 -17.63
CA ALA A 69 0.69 -3.02 -17.56
C ALA A 69 0.45 -4.41 -17.00
N LEU A 70 -0.36 -4.50 -15.95
CA LEU A 70 -0.68 -5.80 -15.37
C LEU A 70 -1.49 -6.68 -16.32
N ALA A 71 -2.39 -6.08 -17.11
CA ALA A 71 -3.14 -6.81 -18.10
C ALA A 71 -2.22 -7.46 -19.10
N GLU A 72 -1.14 -6.75 -19.43
CA GLU A 72 -0.20 -7.24 -20.44
C GLU A 72 0.47 -8.50 -19.88
N TYR A 73 0.69 -8.56 -18.56
CA TYR A 73 1.23 -9.75 -17.91
C TYR A 73 0.26 -10.88 -17.53
N GLY A 74 -1.01 -10.82 -17.94
CA GLY A 74 -1.99 -11.84 -17.54
C GLY A 74 -3.14 -11.48 -16.61
N VAL A 75 -3.11 -10.27 -16.03
CA VAL A 75 -4.03 -9.88 -15.00
C VAL A 75 -5.21 -9.13 -15.61
N GLU A 76 -6.35 -9.79 -15.69
CA GLU A 76 -7.60 -9.18 -16.11
C GLU A 76 -8.17 -8.18 -15.10
N PRO A 77 -8.95 -7.20 -15.58
CA PRO A 77 -9.58 -6.28 -14.63
C PRO A 77 -10.37 -6.98 -13.54
N ARG A 78 -11.14 -8.00 -13.90
CA ARG A 78 -11.86 -8.84 -12.91
C ARG A 78 -10.99 -9.32 -11.73
N HIS A 79 -9.74 -9.64 -12.04
CA HIS A 79 -8.78 -10.15 -11.01
C HIS A 79 -8.33 -9.08 -10.03
N LEU A 80 -8.40 -7.84 -10.45
CA LEU A 80 -8.11 -6.68 -9.57
C LEU A 80 -9.21 -6.34 -8.53
N ARG A 81 -10.36 -7.00 -8.62
CA ARG A 81 -11.40 -6.79 -7.66
C ARG A 81 -10.91 -7.12 -6.25
N ALA A 82 -10.12 -8.17 -6.08
CA ALA A 82 -9.60 -8.56 -4.77
C ALA A 82 -8.70 -7.48 -4.22
N PHE A 83 -8.01 -6.75 -5.08
CA PHE A 83 -7.19 -5.62 -4.68
C PHE A 83 -8.09 -4.48 -4.17
N ARG A 84 -9.13 -4.16 -4.93
CA ARG A 84 -10.05 -3.09 -4.58
CA ARG A 84 -10.00 -3.04 -4.56
C ARG A 84 -10.75 -3.35 -3.25
N SER A 85 -11.25 -4.58 -3.10
CA SER A 85 -11.92 -5.07 -1.85
CA SER A 85 -11.97 -4.91 -1.85
C SER A 85 -11.04 -4.76 -0.66
N ALA A 86 -9.81 -5.23 -0.78
CA ALA A 86 -8.84 -5.03 0.30
C ALA A 86 -8.48 -3.59 0.57
N ALA A 87 -8.29 -2.81 -0.48
CA ALA A 87 -7.98 -1.41 -0.31
C ALA A 87 -9.12 -0.68 0.41
N ASP A 88 -10.37 -1.00 0.08
CA ASP A 88 -11.48 -0.35 0.72
C ASP A 88 -11.51 -0.70 2.22
N ARG A 89 -11.28 -1.95 2.53
CA ARG A 89 -11.25 -2.34 3.95
C ARG A 89 -10.12 -1.65 4.67
N GLN A 90 -8.97 -1.55 4.04
CA GLN A 90 -7.85 -0.81 4.65
C GLN A 90 -8.16 0.65 4.86
N SER A 91 -8.83 1.29 3.89
N SER A 91 -8.81 1.27 3.88
CA SER A 91 -9.24 2.69 4.06
CA SER A 91 -9.26 2.64 4.02
C SER A 91 -10.22 2.89 5.22
C SER A 91 -10.18 2.85 5.24
N ASP A 92 -11.09 1.90 5.47
CA ASP A 92 -11.99 1.95 6.64
C ASP A 92 -11.18 1.88 7.95
N LEU A 93 -10.18 1.02 8.02
CA LEU A 93 -9.28 0.97 9.23
C LEU A 93 -8.54 2.28 9.39
N ILE A 94 -8.08 2.85 8.26
CA ILE A 94 -7.38 4.13 8.30
C ILE A 94 -8.26 5.27 8.76
N ALA A 95 -9.49 5.30 8.28
CA ALA A 95 -10.47 6.29 8.71
C ALA A 95 -10.76 6.23 10.21
N GLN A 96 -10.78 5.03 10.76
CA GLN A 96 -10.97 4.87 12.20
C GLN A 96 -9.85 5.47 13.04
N ILE A 97 -8.62 5.46 12.52
CA ILE A 97 -7.44 5.99 13.19
C ILE A 97 -7.27 7.48 12.94
N ALA A 98 -7.53 7.91 11.69
CA ALA A 98 -7.27 9.28 11.28
C ALA A 98 -8.46 10.19 11.49
N GLY A 99 -9.66 9.64 11.34
CA GLY A 99 -10.92 10.41 11.44
C GLY A 99 -11.02 11.23 12.71
N PRO A 100 -10.66 10.62 13.85
CA PRO A 100 -10.75 11.37 15.10
C PRO A 100 -9.75 12.51 15.23
N LEU A 101 -8.69 12.50 14.40
CA LEU A 101 -7.70 13.57 14.35
C LEU A 101 -8.15 14.78 13.51
N VAL A 102 -9.24 14.68 12.76
CA VAL A 102 -9.74 15.85 12.00
C VAL A 102 -9.96 17.07 12.92
N LYS A 103 -10.67 16.84 14.03
CA LYS A 103 -10.96 17.92 14.97
C LYS A 103 -9.74 18.43 15.72
N ALA A 104 -8.64 17.67 15.70
CA ALA A 104 -7.39 18.09 16.35
C ALA A 104 -6.45 18.89 15.48
N GLY A 105 -6.86 19.21 14.25
CA GLY A 105 -5.94 19.91 13.38
C GLY A 105 -5.58 21.30 13.89
N LYS A 106 -4.41 21.78 13.49
CA LYS A 106 -3.92 23.11 13.81
C LYS A 106 -4.54 24.05 12.82
N ALA A 107 -5.71 24.54 13.16
CA ALA A 107 -6.55 25.32 12.26
C ALA A 107 -6.07 26.75 12.14
N GLY A 108 -5.33 27.25 13.12
CA GLY A 108 -5.07 28.67 13.18
C GLY A 108 -6.36 29.44 13.30
N ALA A 109 -6.49 30.51 12.49
CA ALA A 109 -7.72 31.29 12.43
C ALA A 109 -8.88 30.59 11.68
N ARG A 110 -8.57 29.54 10.90
CA ARG A 110 -9.61 28.78 10.18
C ARG A 110 -10.54 28.01 11.12
N ASP A 111 -11.75 27.68 10.70
CA ASP A 111 -12.64 26.81 11.48
C ASP A 111 -12.29 25.32 11.47
N ARG A 112 -11.57 24.88 10.46
CA ARG A 112 -11.29 23.48 10.20
C ARG A 112 -9.85 23.33 9.73
N ALA A 113 -9.27 22.16 9.98
CA ALA A 113 -8.00 21.76 9.38
C ALA A 113 -7.84 20.26 9.47
N ASP A 114 -7.76 19.60 8.30
CA ASP A 114 -7.63 18.15 8.23
C ASP A 114 -6.19 17.64 8.10
N ASP A 115 -5.19 18.50 8.30
CA ASP A 115 -3.78 18.15 8.02
C ASP A 115 -3.20 17.04 8.91
N LEU A 116 -3.59 16.99 10.18
CA LEU A 116 -3.17 15.91 11.03
C LEU A 116 -3.75 14.56 10.60
N ALA A 117 -5.03 14.58 10.27
CA ALA A 117 -5.72 13.38 9.81
C ALA A 117 -5.03 12.86 8.54
N ARG A 118 -4.64 13.79 7.66
CA ARG A 118 -3.95 13.38 6.45
C ARG A 118 -2.57 12.78 6.76
N GLU A 119 -1.84 13.38 7.70
CA GLU A 119 -0.52 12.86 8.07
C GLU A 119 -0.64 11.45 8.63
N VAL A 120 -1.63 11.23 9.50
CA VAL A 120 -1.80 9.91 10.11
C VAL A 120 -2.16 8.92 9.03
N ALA A 121 -3.05 9.32 8.12
CA ALA A 121 -3.39 8.46 7.01
C ALA A 121 -2.18 8.10 6.14
N ALA A 122 -1.34 9.08 5.84
CA ALA A 122 -0.12 8.84 5.03
C ALA A 122 0.87 7.90 5.70
N LEU A 123 1.01 8.02 7.03
CA LEU A 123 1.90 7.12 7.77
C LEU A 123 1.41 5.72 7.73
N ALA A 124 0.10 5.57 7.91
CA ALA A 124 -0.53 4.28 7.92
C ALA A 124 -0.35 3.58 6.55
N ILE A 125 -0.55 4.36 5.47
CA ILE A 125 -0.37 3.80 4.14
C ILE A 125 1.08 3.42 3.91
N THR A 126 2.02 4.26 4.30
CA THR A 126 3.43 3.92 4.17
C THR A 126 3.78 2.64 4.92
N LEU A 127 3.27 2.56 6.16
CA LEU A 127 3.54 1.37 6.96
C LEU A 127 3.00 0.10 6.23
N HIS A 128 1.75 0.20 5.77
CA HIS A 128 1.06 -0.92 5.12
C HIS A 128 1.81 -1.33 3.83
N THR A 129 2.21 -0.34 3.03
CA THR A 129 2.96 -0.61 1.79
C THR A 129 4.27 -1.30 2.06
N SER A 130 4.97 -0.83 3.09
CA SER A 130 6.22 -1.45 3.50
C SER A 130 6.05 -2.89 4.02
N LEU A 131 4.96 -3.13 4.74
CA LEU A 131 4.60 -4.47 5.16
C LEU A 131 4.38 -5.39 3.97
N ILE A 132 3.70 -4.85 2.92
CA ILE A 132 3.50 -5.63 1.72
C ILE A 132 4.82 -5.91 1.04
N LYS A 133 5.66 -4.91 0.87
CA LYS A 133 6.93 -5.12 0.18
C LYS A 133 7.76 -6.20 0.90
N SER A 134 7.82 -6.09 2.22
CA SER A 134 8.53 -7.07 3.03
C SER A 134 8.00 -8.48 2.83
N ALA A 135 6.68 -8.63 2.92
CA ALA A 135 6.07 -9.97 2.74
C ALA A 135 6.26 -10.51 1.34
N VAL A 136 6.20 -9.64 0.32
CA VAL A 136 6.36 -10.13 -1.05
C VAL A 136 7.79 -10.63 -1.22
N ARG A 137 8.77 -9.89 -0.69
CA ARG A 137 10.16 -10.26 -0.92
C ARG A 137 10.40 -11.61 -0.23
N ASP A 138 9.80 -11.80 0.96
CA ASP A 138 9.88 -13.08 1.69
C ASP A 138 9.26 -14.24 0.91
N VAL A 139 8.03 -14.04 0.42
CA VAL A 139 7.34 -15.11 -0.32
C VAL A 139 8.13 -15.44 -1.58
N LEU A 140 8.69 -14.43 -2.24
CA LEU A 140 9.42 -14.66 -3.48
C LEU A 140 10.91 -14.64 -3.18
N MET B 21 18.99 -5.82 2.41
CA MET B 21 19.97 -5.95 3.54
C MET B 21 19.43 -6.87 4.65
N ARG B 22 20.35 -7.40 5.45
CA ARG B 22 20.05 -8.27 6.58
C ARG B 22 20.53 -7.55 7.83
N LEU B 23 19.58 -7.08 8.61
CA LEU B 23 19.86 -6.30 9.80
C LEU B 23 19.64 -7.12 11.05
N SER B 24 20.58 -7.05 11.97
CA SER B 24 20.35 -7.57 13.32
C SER B 24 19.34 -6.68 14.00
N ARG B 25 18.88 -7.11 15.19
CA ARG B 25 17.96 -6.34 15.97
C ARG B 25 18.59 -4.97 16.29
N GLU B 26 19.86 -4.99 16.67
CA GLU B 26 20.57 -3.76 17.06
C GLU B 26 20.78 -2.84 15.85
N ASP B 27 21.11 -3.44 14.72
CA ASP B 27 21.24 -2.69 13.44
C ASP B 27 19.89 -1.96 13.15
N LEU B 28 18.77 -2.66 13.31
CA LEU B 28 17.45 -2.09 13.09
C LEU B 28 17.17 -0.92 14.06
N LEU B 29 17.47 -1.09 15.34
CA LEU B 29 17.24 0.01 16.29
C LEU B 29 18.10 1.23 15.95
N GLU B 30 19.35 1.01 15.56
CA GLU B 30 20.25 2.12 15.24
C GLU B 30 19.77 2.92 13.99
N ARG B 31 19.40 2.19 12.98
CA ARG B 31 18.93 2.81 11.71
C ARG B 31 17.58 3.51 11.87
N SER B 32 16.68 2.94 12.67
CA SER B 32 15.36 3.49 12.85
C SER B 32 15.26 4.61 13.89
N GLU B 33 16.18 4.65 14.87
CA GLU B 33 16.10 5.58 16.00
C GLU B 33 14.80 5.40 16.80
N VAL B 34 14.40 4.15 16.99
CA VAL B 34 13.22 3.83 17.75
C VAL B 34 13.66 3.00 18.98
N ALA B 35 12.86 3.10 20.04
CA ALA B 35 13.17 2.36 21.29
C ALA B 35 12.96 0.87 21.14
N ASP B 36 13.80 0.08 21.86
CA ASP B 36 13.67 -1.36 21.85
C ASP B 36 12.30 -1.81 22.36
N GLU B 37 11.72 -1.05 23.29
CA GLU B 37 10.44 -1.42 23.83
C GLU B 37 9.30 -1.33 22.78
N LEU B 38 9.43 -0.36 21.87
CA LEU B 38 8.46 -0.24 20.77
C LEU B 38 8.64 -1.40 19.77
N LEU B 39 9.88 -1.74 19.49
CA LEU B 39 10.13 -2.91 18.62
C LEU B 39 9.54 -4.20 19.25
N THR B 40 9.77 -4.34 20.60
CA THR B 40 9.24 -5.47 21.28
C THR B 40 7.72 -5.49 21.18
N ALA B 41 7.07 -4.36 21.42
CA ALA B 41 5.62 -4.29 21.27
C ALA B 41 5.11 -4.69 19.86
N LEU B 42 5.85 -4.22 18.84
CA LEU B 42 5.50 -4.55 17.46
C LEU B 42 5.75 -6.01 17.10
N LEU B 43 6.81 -6.59 17.66
CA LEU B 43 7.03 -8.01 17.47
C LEU B 43 6.00 -8.87 18.15
N LYS B 44 5.68 -8.54 19.40
N LYS B 44 5.70 -8.52 19.40
CA LYS B 44 4.70 -9.35 20.14
CA LYS B 44 4.68 -9.23 20.18
C LYS B 44 3.26 -9.19 19.61
C LYS B 44 3.31 -9.22 19.52
N ALA B 45 2.95 -8.08 18.95
CA ALA B 45 1.67 -7.92 18.23
C ALA B 45 1.64 -8.56 16.84
N GLY B 46 2.79 -9.04 16.35
CA GLY B 46 2.85 -9.69 15.03
C GLY B 46 2.88 -8.72 13.86
N VAL B 47 3.12 -7.45 14.15
CA VAL B 47 3.14 -6.40 13.15
C VAL B 47 4.41 -6.49 12.36
N ILE B 48 5.53 -6.52 13.02
CA ILE B 48 6.83 -6.72 12.38
C ILE B 48 7.31 -8.13 12.63
N THR B 49 8.00 -8.72 11.64
CA THR B 49 8.58 -10.02 11.81
C THR B 49 9.96 -9.97 11.24
N THR B 50 10.77 -10.89 11.70
CA THR B 50 12.02 -11.17 11.00
C THR B 50 11.74 -11.95 9.75
N GLY B 51 12.68 -11.90 8.84
CA GLY B 51 12.60 -12.70 7.62
C GLY B 51 12.95 -14.14 7.92
N PRO B 52 13.05 -14.99 6.90
CA PRO B 52 13.18 -16.43 7.26
C PRO B 52 14.50 -16.85 7.97
N GLY B 53 15.58 -16.09 7.78
CA GLY B 53 16.84 -16.26 8.53
C GLY B 53 16.97 -15.54 9.87
N GLY B 54 15.89 -14.93 10.31
CA GLY B 54 15.89 -14.20 11.59
C GLY B 54 16.44 -12.79 11.53
N PHE B 55 16.76 -12.28 10.35
CA PHE B 55 17.15 -10.88 10.16
C PHE B 55 15.99 -9.98 9.81
N PHE B 56 16.21 -8.70 10.02
CA PHE B 56 15.29 -7.70 9.59
C PHE B 56 15.79 -7.17 8.23
N ASP B 57 14.84 -6.63 7.51
CA ASP B 57 15.16 -5.98 6.23
C ASP B 57 15.05 -4.47 6.24
N GLU B 58 15.33 -3.84 5.07
CA GLU B 58 15.19 -2.40 4.91
C GLU B 58 13.78 -1.87 5.16
N HIS B 59 12.80 -2.70 4.86
CA HIS B 59 11.42 -2.31 5.07
C HIS B 59 11.12 -2.21 6.56
N ALA B 60 11.80 -3.05 7.34
CA ALA B 60 11.61 -3.01 8.79
C ALA B 60 11.95 -1.64 9.38
N VAL B 61 12.95 -0.97 8.82
CA VAL B 61 13.33 0.37 9.28
C VAL B 61 12.15 1.32 9.12
N VAL B 62 11.59 1.35 7.90
CA VAL B 62 10.45 2.21 7.62
C VAL B 62 9.23 1.85 8.48
N ILE B 63 8.95 0.56 8.62
CA ILE B 63 7.80 0.10 9.40
C ILE B 63 7.95 0.61 10.85
N LEU B 64 9.14 0.45 11.41
N LEU B 64 9.14 0.44 11.43
CA LEU B 64 9.37 0.84 12.81
CA LEU B 64 9.40 0.89 12.80
C LEU B 64 9.29 2.36 12.99
C LEU B 64 9.22 2.38 12.96
N GLN B 65 9.80 3.14 12.03
CA GLN B 65 9.72 4.61 12.06
C GLN B 65 8.27 5.09 11.94
N CYS B 66 7.50 4.46 11.05
CA CYS B 66 6.10 4.81 10.90
C CYS B 66 5.28 4.44 12.15
N ALA B 67 5.57 3.24 12.69
CA ALA B 67 4.90 2.76 13.89
C ALA B 67 5.19 3.70 15.05
N ARG B 68 6.42 4.21 15.14
CA ARG B 68 6.74 5.16 16.24
C ARG B 68 5.99 6.46 16.07
N ALA B 69 5.99 7.02 14.86
CA ALA B 69 5.22 8.18 14.61
C ALA B 69 3.72 8.00 14.89
N LEU B 70 3.17 6.88 14.48
CA LEU B 70 1.78 6.57 14.74
C LEU B 70 1.46 6.43 16.26
N ALA B 71 2.39 5.85 17.04
CA ALA B 71 2.22 5.69 18.49
C ALA B 71 2.11 7.06 19.10
N GLU B 72 2.88 7.99 18.56
CA GLU B 72 2.82 9.38 19.01
C GLU B 72 1.45 10.06 18.70
N TYR B 73 0.70 9.53 17.73
CA TYR B 73 -0.68 9.95 17.44
C TYR B 73 -1.74 9.07 18.12
N GLY B 74 -1.32 8.31 19.12
CA GLY B 74 -2.23 7.50 19.90
C GLY B 74 -2.52 6.11 19.36
N VAL B 75 -1.78 5.68 18.33
CA VAL B 75 -2.01 4.39 17.72
C VAL B 75 -1.00 3.36 18.22
N GLU B 76 -1.48 2.44 19.06
CA GLU B 76 -0.62 1.49 19.67
C GLU B 76 -0.31 0.35 18.74
N PRO B 77 0.85 -0.30 18.95
CA PRO B 77 1.21 -1.41 18.09
C PRO B 77 0.15 -2.45 17.85
N ARG B 78 -0.61 -2.81 18.86
CA ARG B 78 -1.67 -3.80 18.68
C ARG B 78 -2.74 -3.37 17.66
N HIS B 79 -2.93 -2.05 17.53
CA HIS B 79 -3.87 -1.51 16.57
C HIS B 79 -3.38 -1.51 15.12
N LEU B 80 -2.14 -1.93 14.94
CA LEU B 80 -1.54 -2.06 13.57
C LEU B 80 -1.59 -3.51 13.18
N ARG B 81 -2.00 -4.41 14.05
CA ARG B 81 -1.97 -5.82 13.75
C ARG B 81 -2.82 -6.12 12.52
N ALA B 82 -3.98 -5.47 12.39
CA ALA B 82 -4.82 -5.62 11.19
C ALA B 82 -4.11 -5.30 9.86
N PHE B 83 -3.23 -4.29 9.89
CA PHE B 83 -2.47 -3.86 8.71
C PHE B 83 -1.56 -4.98 8.24
N ARG B 84 -0.99 -5.68 9.19
CA ARG B 84 -0.11 -6.77 8.88
C ARG B 84 -0.87 -7.97 8.27
N SER B 85 -2.00 -8.34 8.88
N SER B 85 -1.99 -8.35 8.89
CA SER B 85 -2.80 -9.45 8.42
CA SER B 85 -2.81 -9.44 8.38
C SER B 85 -3.27 -9.18 6.96
C SER B 85 -3.18 -9.15 6.92
N ALA B 86 -3.64 -7.93 6.69
CA ALA B 86 -4.04 -7.50 5.34
C ALA B 86 -2.86 -7.47 4.37
N ALA B 87 -1.68 -7.02 4.83
CA ALA B 87 -0.49 -7.04 3.99
C ALA B 87 -0.09 -8.45 3.57
N ASP B 88 -0.24 -9.41 4.48
CA ASP B 88 0.10 -10.81 4.18
C ASP B 88 -0.84 -11.35 3.12
N ARG B 89 -2.13 -11.05 3.25
CA ARG B 89 -3.10 -11.50 2.28
C ARG B 89 -2.81 -10.84 0.93
N GLN B 90 -2.49 -9.56 0.91
CA GLN B 90 -2.16 -8.90 -0.37
C GLN B 90 -0.90 -9.45 -0.99
N SER B 91 0.12 -9.71 -0.18
N SER B 91 0.11 -9.74 -0.16
CA SER B 91 1.35 -10.30 -0.67
CA SER B 91 1.37 -10.31 -0.66
C SER B 91 1.09 -11.63 -1.37
C SER B 91 1.14 -11.66 -1.34
N ASP B 92 0.21 -12.45 -0.80
CA ASP B 92 -0.17 -13.72 -1.43
C ASP B 92 -0.82 -13.49 -2.80
N LEU B 93 -1.72 -12.51 -2.90
CA LEU B 93 -2.37 -12.19 -4.18
C LEU B 93 -1.32 -11.76 -5.20
N ILE B 94 -0.33 -10.99 -4.78
CA ILE B 94 0.74 -10.54 -5.65
C ILE B 94 1.64 -11.70 -6.07
N ALA B 95 1.96 -12.61 -5.15
CA ALA B 95 2.78 -13.77 -5.44
C ALA B 95 2.10 -14.69 -6.44
N GLN B 96 0.78 -14.80 -6.37
CA GLN B 96 0.00 -15.57 -7.35
C GLN B 96 0.28 -15.08 -8.78
N ILE B 97 0.43 -13.76 -8.94
CA ILE B 97 0.64 -13.13 -10.27
C ILE B 97 2.12 -13.23 -10.63
N ALA B 98 3.02 -12.89 -9.71
CA ALA B 98 4.43 -12.71 -10.04
C ALA B 98 5.23 -14.01 -9.98
N GLY B 99 4.79 -14.94 -9.14
CA GLY B 99 5.53 -16.18 -8.95
C GLY B 99 5.77 -16.96 -10.24
N PRO B 100 4.73 -17.14 -11.06
CA PRO B 100 4.94 -17.89 -12.29
C PRO B 100 5.82 -17.16 -13.30
N LEU B 101 6.06 -15.87 -13.11
CA LEU B 101 6.95 -15.08 -13.95
C LEU B 101 8.41 -15.13 -13.60
N VAL B 102 8.76 -15.73 -12.47
CA VAL B 102 10.17 -15.87 -12.10
C VAL B 102 10.96 -16.61 -13.18
N LYS B 103 10.37 -17.69 -13.71
CA LYS B 103 11.02 -18.46 -14.77
C LYS B 103 11.10 -17.71 -16.11
N ALA B 104 10.28 -16.67 -16.31
CA ALA B 104 10.15 -16.01 -17.58
C ALA B 104 11.13 -14.85 -17.76
N GLY B 105 11.94 -14.52 -16.75
CA GLY B 105 12.91 -13.44 -16.91
C GLY B 105 13.94 -13.75 -17.98
N LYS B 106 14.40 -12.72 -18.69
CA LYS B 106 15.53 -12.88 -19.63
C LYS B 106 16.75 -13.30 -18.85
N ALA B 107 17.54 -14.22 -19.41
CA ALA B 107 18.68 -14.79 -18.72
C ALA B 107 19.96 -14.65 -19.53
N GLY B 108 20.08 -13.62 -20.36
CA GLY B 108 21.35 -13.32 -21.02
C GLY B 108 22.42 -12.89 -20.01
N ALA B 109 23.63 -12.67 -20.52
CA ALA B 109 24.76 -12.21 -19.70
C ALA B 109 24.44 -10.92 -18.94
N ARG B 110 23.73 -10.02 -19.63
CA ARG B 110 23.36 -8.68 -19.13
C ARG B 110 22.05 -8.69 -18.33
N ASP B 111 21.36 -9.83 -18.32
CA ASP B 111 20.07 -9.93 -17.65
C ASP B 111 20.21 -10.58 -16.30
N ARG B 112 19.19 -10.40 -15.47
CA ARG B 112 19.00 -11.20 -14.26
C ARG B 112 17.55 -11.74 -14.30
N ALA B 113 17.41 -13.05 -14.11
CA ALA B 113 16.14 -13.72 -14.42
C ALA B 113 14.97 -13.38 -13.50
N ASP B 114 15.25 -12.83 -12.31
CA ASP B 114 14.22 -12.37 -11.35
C ASP B 114 13.59 -11.00 -11.60
N ASP B 115 14.19 -10.20 -12.52
CA ASP B 115 13.78 -8.82 -12.71
C ASP B 115 12.31 -8.74 -13.14
N LEU B 116 11.85 -9.64 -14.01
CA LEU B 116 10.47 -9.55 -14.49
C LEU B 116 9.44 -9.75 -13.33
N ALA B 117 9.67 -10.75 -12.48
CA ALA B 117 8.78 -10.94 -11.35
C ALA B 117 8.80 -9.75 -10.39
N ARG B 118 9.98 -9.14 -10.23
CA ARG B 118 10.07 -7.95 -9.37
C ARG B 118 9.26 -6.79 -9.94
N GLU B 119 9.42 -6.54 -11.26
CA GLU B 119 8.67 -5.49 -11.95
C GLU B 119 7.16 -5.67 -11.76
N VAL B 120 6.70 -6.91 -11.91
CA VAL B 120 5.30 -7.19 -11.84
C VAL B 120 4.78 -7.01 -10.42
N ALA B 121 5.58 -7.47 -9.44
CA ALA B 121 5.24 -7.26 -8.05
C ALA B 121 5.20 -5.76 -7.71
N ALA B 122 6.17 -5.00 -8.22
CA ALA B 122 6.18 -3.56 -7.99
C ALA B 122 4.96 -2.87 -8.59
N LEU B 123 4.55 -3.26 -9.82
CA LEU B 123 3.34 -2.67 -10.42
C LEU B 123 2.11 -2.93 -9.57
N ALA B 124 2.02 -4.17 -9.08
CA ALA B 124 0.87 -4.54 -8.27
C ALA B 124 0.81 -3.75 -6.96
N ILE B 125 1.97 -3.57 -6.32
CA ILE B 125 2.06 -2.78 -5.11
C ILE B 125 1.69 -1.33 -5.33
N THR B 126 2.17 -0.77 -6.46
CA THR B 126 1.85 0.60 -6.78
C THR B 126 0.35 0.73 -6.97
N LEU B 127 -0.22 -0.21 -7.74
CA LEU B 127 -1.66 -0.22 -7.97
CA LEU B 127 -1.65 -0.19 -7.97
C LEU B 127 -2.41 -0.21 -6.64
N HIS B 128 -2.02 -1.13 -5.77
CA HIS B 128 -2.70 -1.30 -4.53
C HIS B 128 -2.61 -0.07 -3.65
N THR B 129 -1.40 0.49 -3.60
CA THR B 129 -1.11 1.70 -2.79
C THR B 129 -2.02 2.84 -3.25
N SER B 130 -2.11 3.00 -4.58
CA SER B 130 -2.97 4.03 -5.20
C SER B 130 -4.46 3.83 -4.94
N LEU B 131 -4.89 2.57 -4.95
CA LEU B 131 -6.27 2.25 -4.56
C LEU B 131 -6.57 2.68 -3.12
N ILE B 132 -5.60 2.44 -2.23
CA ILE B 132 -5.83 2.80 -0.82
C ILE B 132 -5.84 4.33 -0.68
N LYS B 133 -4.89 5.02 -1.32
CA LYS B 133 -4.85 6.48 -1.24
C LYS B 133 -6.15 7.06 -1.76
N SER B 134 -6.59 6.52 -2.90
CA SER B 134 -7.89 6.92 -3.46
C SER B 134 -9.10 6.74 -2.52
N ALA B 135 -9.16 5.57 -1.90
CA ALA B 135 -10.27 5.22 -1.03
C ALA B 135 -10.21 6.08 0.24
N VAL B 136 -9.00 6.38 0.71
CA VAL B 136 -8.84 7.21 1.91
C VAL B 136 -9.31 8.64 1.64
N ARG B 137 -8.89 9.19 0.49
CA ARG B 137 -9.30 10.52 0.07
C ARG B 137 -10.83 10.64 0.13
N ASP B 138 -11.48 9.60 -0.39
CA ASP B 138 -12.94 9.58 -0.49
C ASP B 138 -13.63 9.50 0.85
N VAL B 139 -13.10 8.71 1.81
CA VAL B 139 -13.75 8.56 3.11
C VAL B 139 -13.48 9.77 4.00
N LEU B 140 -12.31 10.39 3.87
CA LEU B 140 -12.00 11.63 4.63
C LEU B 140 -12.56 12.90 3.95
N HIS B 141 -13.07 12.77 2.72
CA HIS B 141 -13.67 13.90 1.97
C HIS B 141 -14.71 13.41 0.96
#